data_6B52
#
_entry.id   6B52
#
_cell.length_a   52.429
_cell.length_b   72.551
_cell.length_c   140.307
_cell.angle_alpha   90.00
_cell.angle_beta   90.00
_cell.angle_gamma   90.00
#
_symmetry.space_group_name_H-M   'C 2 2 21'
#
loop_
_entity.id
_entity.type
_entity.pdbx_description
1 polymer Sulfotransferase
2 non-polymer "ADENOSINE-3'-5'-DIPHOSPHATE"
3 non-polymer {(2S)-7-nitro-2-[(propan-2-ylamino)methyl]-1,2,3,4-tetrahydroquinolin-6-yl}methanol
4 water water
#
_entity_poly.entity_id   1
_entity_poly.type   'polypeptide(L)'
_entity_poly.pdbx_seq_one_letter_code
;GAMSTTSTTIQVIGAGLPRTGTNSMKKALEIIYSKPCYHMFEIIFKKQSDISIWQQLIDETHKTTSDKRKIYNGLNELLN
GYIATTDLPSCSFYKELMTMYPNAKVLLTIRDKYDWLYSLRKVVLPKSTDPWKLKIEEGDQVLGIDSNFYKMSEDSLKFA
FQKNHINLDDDEILLECYDEYNRLVQEIVPPERLLIHHLGDGWESLCQFLNVDIPNGISYPCANSHHQMTQLTEQLIKHK
SLDDIIHMFPGLI
;
_entity_poly.pdbx_strand_id   A
#
loop_
_chem_comp.id
_chem_comp.type
_chem_comp.name
_chem_comp.formula
A3P RNA linking ADENOSINE-3'-5'-DIPHOSPHATE 'C10 H15 N5 O10 P2'
OAQ non-polymer {(2S)-7-nitro-2-[(propan-2-ylamino)methyl]-1,2,3,4-tetrahydroquinolin-6-yl}methanol 'C14 H21 N3 O3'
#
# COMPACT_ATOMS: atom_id res chain seq x y z
N THR A 8 -11.95 5.27 18.03
CA THR A 8 -11.07 5.26 16.88
C THR A 8 -11.74 4.60 15.67
N THR A 9 -11.88 5.37 14.60
CA THR A 9 -12.55 4.91 13.37
C THR A 9 -11.80 5.43 12.16
N ILE A 10 -11.94 4.76 11.02
CA ILE A 10 -11.24 5.19 9.81
C ILE A 10 -11.68 6.58 9.36
N GLN A 11 -10.71 7.47 9.23
CA GLN A 11 -10.94 8.85 8.81
C GLN A 11 -10.52 9.09 7.38
N VAL A 12 -9.50 8.35 6.95
CA VAL A 12 -8.92 8.55 5.64
C VAL A 12 -8.64 7.21 4.98
N ILE A 13 -9.11 7.07 3.75
CA ILE A 13 -8.91 5.86 2.97
C ILE A 13 -7.87 6.15 1.88
N GLY A 14 -6.72 5.49 1.96
CA GLY A 14 -5.66 5.73 1.00
C GLY A 14 -5.85 4.79 -0.19
N ALA A 15 -6.14 5.33 -1.36
CA ALA A 15 -6.39 4.51 -2.55
C ALA A 15 -5.16 4.35 -3.43
N GLY A 16 -4.11 5.14 -3.17
CA GLY A 16 -2.89 5.06 -3.95
C GLY A 16 -2.24 3.69 -3.97
N LEU A 17 -1.63 3.35 -5.11
CA LEU A 17 -0.97 2.07 -5.31
C LEU A 17 0.41 2.05 -4.65
N PRO A 18 0.95 0.85 -4.39
CA PRO A 18 2.32 0.79 -3.87
C PRO A 18 3.32 1.54 -4.77
N ARG A 19 4.33 2.10 -4.13
CA ARG A 19 5.40 2.91 -4.72
C ARG A 19 4.90 4.27 -5.20
N THR A 20 3.83 4.78 -4.59
CA THR A 20 3.34 6.12 -4.92
C THR A 20 3.45 7.06 -3.73
N GLY A 21 4.30 6.71 -2.78
CA GLY A 21 4.48 7.50 -1.56
C GLY A 21 3.56 7.13 -0.41
N THR A 22 3.09 5.88 -0.41
CA THR A 22 2.07 5.46 0.56
C THR A 22 2.65 5.43 1.99
N ASN A 23 3.91 5.02 2.12
CA ASN A 23 4.54 4.97 3.45
C ASN A 23 4.77 6.35 4.02
N SER A 24 5.18 7.30 3.17
CA SER A 24 5.28 8.69 3.59
C SER A 24 3.90 9.23 3.99
N MET A 25 2.86 8.86 3.23
CA MET A 25 1.50 9.30 3.54
C MET A 25 1.04 8.69 4.86
N LYS A 26 1.39 7.41 5.08
CA LYS A 26 1.09 6.73 6.33
C LYS A 26 1.69 7.52 7.49
N LYS A 27 2.96 7.87 7.34
CA LYS A 27 3.67 8.63 8.40
C LYS A 27 3.09 10.03 8.59
N ALA A 28 2.67 10.63 7.49
CA ALA A 28 2.07 11.96 7.52
C ALA A 28 0.73 11.95 8.25
N LEU A 29 -0.07 10.93 7.99
CA LEU A 29 -1.36 10.80 8.63
C LEU A 29 -1.19 10.49 10.12
N GLU A 30 -0.15 9.73 10.46
CA GLU A 30 0.12 9.45 11.88
C GLU A 30 0.56 10.72 12.60
N ILE A 31 1.27 11.60 11.90
CA ILE A 31 1.63 12.91 12.45
C ILE A 31 0.39 13.79 12.69
N ILE A 32 -0.48 13.86 11.70
CA ILE A 32 -1.66 14.70 11.79
C ILE A 32 -2.61 14.25 12.90
N TYR A 33 -2.89 12.95 12.92
CA TYR A 33 -3.88 12.39 13.85
C TYR A 33 -3.36 11.82 15.18
N SER A 34 -2.05 11.59 15.29
CA SER A 34 -1.42 10.94 16.44
C SER A 34 -2.04 9.59 16.76
N LYS A 35 -2.45 8.86 15.72
CA LYS A 35 -3.02 7.51 15.84
C LYS A 35 -2.50 6.66 14.65
N PRO A 36 -2.54 5.33 14.75
CA PRO A 36 -1.91 4.49 13.73
C PRO A 36 -2.61 4.52 12.36
N CYS A 37 -1.80 4.42 11.31
CA CYS A 37 -2.29 4.25 9.94
C CYS A 37 -1.82 2.90 9.40
N TYR A 38 -2.69 2.19 8.68
CA TYR A 38 -2.34 0.89 8.13
C TYR A 38 -1.49 1.05 6.87
N HIS A 39 -0.71 0.03 6.55
CA HIS A 39 0.23 0.03 5.43
C HIS A 39 0.75 -1.38 5.31
N MET A 40 1.30 -1.75 4.15
CA MET A 40 1.88 -3.09 4.01
C MET A 40 2.95 -3.34 5.08
N PHE A 41 3.66 -2.28 5.47
CA PHE A 41 4.70 -2.41 6.49
C PHE A 41 4.14 -2.86 7.84
N GLU A 42 2.88 -2.54 8.13
CA GLU A 42 2.23 -3.06 9.34
C GLU A 42 2.17 -4.57 9.28
N ILE A 43 1.84 -5.11 8.12
CA ILE A 43 1.74 -6.55 7.94
C ILE A 43 3.13 -7.19 8.03
N ILE A 44 4.07 -6.66 7.26
CA ILE A 44 5.39 -7.28 7.14
C ILE A 44 6.15 -7.23 8.46
N PHE A 45 6.08 -6.10 9.14
CA PHE A 45 6.98 -5.90 10.26
C PHE A 45 6.34 -6.04 11.64
N LYS A 46 5.00 -6.06 11.70
CA LYS A 46 4.30 -6.07 12.99
C LYS A 46 3.22 -7.17 13.13
N LYS A 47 2.55 -7.51 12.04
CA LYS A 47 1.39 -8.42 12.10
C LYS A 47 1.29 -9.39 10.93
N GLN A 48 2.24 -10.32 10.82
CA GLN A 48 2.19 -11.27 9.72
C GLN A 48 1.01 -12.21 9.86
N SER A 49 0.46 -12.31 11.06
CA SER A 49 -0.75 -13.10 11.28
C SER A 49 -1.93 -12.62 10.42
N ASP A 50 -1.90 -11.33 10.06
CA ASP A 50 -2.96 -10.75 9.23
C ASP A 50 -2.92 -11.22 7.76
N ILE A 51 -1.83 -11.85 7.34
CA ILE A 51 -1.71 -12.25 5.93
C ILE A 51 -2.83 -13.20 5.47
N SER A 52 -3.13 -14.22 6.28
CA SER A 52 -4.18 -15.17 5.94
C SER A 52 -5.57 -14.53 5.98
N ILE A 53 -5.76 -13.57 6.88
CA ILE A 53 -7.04 -12.87 6.94
C ILE A 53 -7.27 -12.11 5.63
N TRP A 54 -6.25 -11.37 5.18
CA TRP A 54 -6.35 -10.65 3.93
C TRP A 54 -6.57 -11.61 2.77
N GLN A 55 -5.87 -12.74 2.82
CA GLN A 55 -6.00 -13.76 1.78
C GLN A 55 -7.42 -14.28 1.70
N GLN A 56 -8.04 -14.50 2.86
CA GLN A 56 -9.44 -14.92 2.93
C GLN A 56 -10.38 -13.91 2.28
N LEU A 57 -10.16 -12.63 2.55
CA LEU A 57 -11.03 -11.58 2.02
C LEU A 57 -10.91 -11.47 0.51
N ILE A 58 -9.69 -11.49 0.01
CA ILE A 58 -9.47 -11.39 -1.43
C ILE A 58 -10.09 -12.59 -2.13
N ASP A 59 -9.94 -13.76 -1.51
CA ASP A 59 -10.55 -14.98 -2.02
C ASP A 59 -12.06 -14.84 -2.10
N GLU A 60 -12.66 -14.26 -1.06
CA GLU A 60 -14.10 -14.05 -1.04
C GLU A 60 -14.54 -13.28 -2.28
N THR A 61 -13.71 -12.33 -2.70
CA THR A 61 -14.04 -11.51 -3.87
C THR A 61 -14.06 -12.32 -5.17
N HIS A 62 -13.42 -13.50 -5.16
CA HIS A 62 -13.36 -14.31 -6.37
C HIS A 62 -14.49 -15.32 -6.48
N LYS A 63 -15.39 -15.32 -5.51
CA LYS A 63 -16.55 -16.19 -5.56
C LYS A 63 -17.56 -15.64 -6.53
N THR A 64 -18.30 -16.53 -7.18
CA THR A 64 -19.40 -16.14 -8.05
C THR A 64 -20.28 -15.10 -7.37
N THR A 65 -20.77 -15.45 -6.18
CA THR A 65 -21.51 -14.51 -5.36
C THR A 65 -20.70 -14.22 -4.10
N SER A 66 -20.08 -13.06 -4.04
CA SER A 66 -19.27 -12.73 -2.87
C SER A 66 -20.16 -12.11 -1.80
N ASP A 67 -19.84 -12.43 -0.54
CA ASP A 67 -20.61 -11.94 0.60
C ASP A 67 -20.02 -10.61 1.05
N LYS A 68 -20.68 -9.51 0.69
CA LYS A 68 -20.11 -8.20 1.00
C LYS A 68 -20.06 -7.94 2.51
N ARG A 69 -21.00 -8.50 3.25
CA ARG A 69 -21.00 -8.31 4.70
C ARG A 69 -19.88 -9.10 5.37
N LYS A 70 -19.53 -10.26 4.81
CA LYS A 70 -18.33 -11.00 5.27
C LYS A 70 -17.06 -10.17 5.09
N ILE A 71 -17.00 -9.44 3.97
CA ILE A 71 -15.88 -8.58 3.66
C ILE A 71 -15.87 -7.32 4.54
N TYR A 72 -17.01 -6.68 4.72
CA TYR A 72 -17.10 -5.51 5.60
C TYR A 72 -16.62 -5.87 7.01
N ASN A 73 -17.07 -7.02 7.51
CA ASN A 73 -16.70 -7.47 8.84
C ASN A 73 -15.21 -7.83 8.96
N GLY A 74 -14.65 -8.44 7.92
CA GLY A 74 -13.23 -8.74 7.90
C GLY A 74 -12.43 -7.48 7.92
N LEU A 75 -12.82 -6.51 7.10
CA LEU A 75 -12.13 -5.23 7.02
C LEU A 75 -12.17 -4.52 8.37
N ASN A 76 -13.33 -4.52 9.00
CA ASN A 76 -13.50 -3.85 10.28
C ASN A 76 -12.60 -4.47 11.34
N GLU A 77 -12.50 -5.79 11.35
CA GLU A 77 -11.59 -6.55 12.21
C GLU A 77 -10.14 -6.14 12.00
N LEU A 78 -9.74 -6.19 10.73
CA LEU A 78 -8.37 -5.86 10.38
C LEU A 78 -7.97 -4.43 10.75
N LEU A 79 -8.88 -3.49 10.61
CA LEU A 79 -8.49 -2.09 10.75
C LEU A 79 -8.84 -1.49 12.11
N ASN A 80 -9.19 -2.37 13.04
CA ASN A 80 -9.53 -1.94 14.39
C ASN A 80 -8.36 -1.22 15.04
N GLY A 81 -8.61 -0.03 15.56
CA GLY A 81 -7.57 0.77 16.18
C GLY A 81 -6.75 1.64 15.24
N TYR A 82 -7.04 1.56 13.95
CA TYR A 82 -6.37 2.42 12.98
C TYR A 82 -7.25 3.60 12.57
N ILE A 83 -6.61 4.72 12.29
CA ILE A 83 -7.33 5.93 11.96
C ILE A 83 -7.38 6.09 10.43
N ALA A 84 -6.52 5.36 9.73
CA ALA A 84 -6.41 5.48 8.29
C ALA A 84 -5.81 4.21 7.67
N THR A 85 -5.88 4.10 6.34
CA THR A 85 -5.27 3.00 5.61
C THR A 85 -4.54 3.55 4.39
N THR A 86 -3.46 2.87 4.00
CA THR A 86 -2.74 3.20 2.77
C THR A 86 -2.16 1.89 2.23
N ASP A 87 -1.75 1.90 0.97
CA ASP A 87 -1.00 0.81 0.36
C ASP A 87 -1.86 -0.43 0.15
N LEU A 88 -1.35 -1.37 -0.66
CA LEU A 88 -1.85 -2.74 -0.69
C LEU A 88 -1.70 -3.35 0.71
N PRO A 89 -2.61 -4.28 1.07
CA PRO A 89 -3.76 -4.74 0.29
C PRO A 89 -5.02 -3.92 0.51
N SER A 90 -5.01 -3.03 1.49
CA SER A 90 -6.21 -2.28 1.83
C SER A 90 -6.71 -1.38 0.69
N CYS A 91 -5.81 -0.83 -0.12
CA CYS A 91 -6.24 0.12 -1.14
C CYS A 91 -7.15 -0.55 -2.17
N SER A 92 -6.94 -1.85 -2.39
N SER A 92 -6.95 -1.84 -2.39
CA SER A 92 -7.76 -2.58 -3.35
CA SER A 92 -7.76 -2.57 -3.36
C SER A 92 -9.22 -2.61 -2.91
C SER A 92 -9.22 -2.65 -2.90
N PHE A 93 -9.44 -2.44 -1.61
CA PHE A 93 -10.79 -2.45 -1.05
C PHE A 93 -11.34 -1.05 -0.80
N TYR A 94 -10.87 -0.05 -1.54
CA TYR A 94 -11.29 1.31 -1.24
C TYR A 94 -12.80 1.52 -1.43
N LYS A 95 -13.41 0.76 -2.34
CA LYS A 95 -14.84 0.93 -2.53
C LYS A 95 -15.60 0.41 -1.31
N GLU A 96 -15.17 -0.72 -0.77
CA GLU A 96 -15.85 -1.32 0.36
C GLU A 96 -15.64 -0.44 1.57
N LEU A 97 -14.44 0.11 1.68
CA LEU A 97 -14.10 1.01 2.78
C LEU A 97 -14.94 2.28 2.73
N MET A 98 -15.18 2.80 1.53
CA MET A 98 -16.01 3.99 1.36
C MET A 98 -17.43 3.76 1.88
N THR A 99 -17.95 2.56 1.64
CA THR A 99 -19.29 2.18 2.09
C THR A 99 -19.35 2.02 3.61
N MET A 100 -18.33 1.38 4.16
CA MET A 100 -18.25 1.15 5.59
C MET A 100 -18.08 2.44 6.37
N TYR A 101 -17.42 3.41 5.76
CA TYR A 101 -17.08 4.66 6.47
C TYR A 101 -17.42 5.85 5.60
N PRO A 102 -18.73 6.16 5.48
CA PRO A 102 -19.22 7.21 4.57
C PRO A 102 -18.65 8.59 4.84
N ASN A 103 -18.13 8.81 6.04
CA ASN A 103 -17.56 10.11 6.39
C ASN A 103 -16.05 10.15 6.19
N ALA A 104 -15.46 9.01 5.87
CA ALA A 104 -14.02 8.95 5.61
C ALA A 104 -13.72 9.58 4.26
N LYS A 105 -12.67 10.39 4.22
CA LYS A 105 -12.21 10.98 2.97
C LYS A 105 -11.24 10.04 2.26
N VAL A 106 -11.07 10.24 0.95
CA VAL A 106 -10.24 9.37 0.14
C VAL A 106 -9.01 10.10 -0.38
N LEU A 107 -7.85 9.46 -0.26
CA LEU A 107 -6.61 10.00 -0.82
C LEU A 107 -6.14 9.13 -1.97
N LEU A 108 -5.72 9.76 -3.08
CA LEU A 108 -5.10 9.02 -4.16
C LEU A 108 -3.70 9.55 -4.36
N THR A 109 -2.69 8.81 -3.87
CA THR A 109 -1.31 9.17 -4.12
C THR A 109 -0.96 8.70 -5.51
N ILE A 110 -0.18 9.50 -6.24
CA ILE A 110 0.03 9.25 -7.67
C ILE A 110 1.37 9.82 -8.10
N ARG A 111 1.94 9.26 -9.17
CA ARG A 111 3.21 9.73 -9.71
C ARG A 111 3.30 9.36 -11.18
N ASP A 112 4.33 9.85 -11.84
CA ASP A 112 4.67 9.46 -13.22
C ASP A 112 4.68 7.93 -13.38
N LYS A 113 3.98 7.42 -14.38
CA LYS A 113 3.81 5.98 -14.49
C LYS A 113 5.10 5.20 -14.75
N TYR A 114 6.06 5.82 -15.44
CA TYR A 114 7.29 5.12 -15.77
C TYR A 114 8.19 5.05 -14.55
N ASP A 115 8.23 6.14 -13.79
CA ASP A 115 8.93 6.16 -12.51
C ASP A 115 8.35 5.10 -11.58
N TRP A 116 7.03 5.06 -11.51
CA TRP A 116 6.30 4.07 -10.71
C TRP A 116 6.68 2.63 -11.06
N LEU A 117 6.70 2.31 -12.36
CA LEU A 117 6.97 0.95 -12.80
C LEU A 117 8.38 0.51 -12.42
N TYR A 118 9.36 1.39 -12.61
CA TYR A 118 10.74 1.07 -12.29
C TYR A 118 10.86 0.81 -10.79
N SER A 119 10.21 1.67 -10.02
CA SER A 119 10.18 1.51 -8.57
C SER A 119 9.51 0.19 -8.17
N LEU A 120 8.35 -0.09 -8.77
CA LEU A 120 7.63 -1.34 -8.51
C LEU A 120 8.48 -2.57 -8.82
N ARG A 121 9.14 -2.57 -9.98
CA ARG A 121 9.98 -3.69 -10.39
C ARG A 121 11.16 -3.92 -9.45
N LYS A 122 11.68 -2.85 -8.87
CA LYS A 122 12.90 -2.95 -8.08
C LYS A 122 12.60 -3.36 -6.64
N VAL A 123 11.36 -3.16 -6.19
CA VAL A 123 11.02 -3.38 -4.79
C VAL A 123 9.90 -4.40 -4.57
N VAL A 124 8.84 -4.29 -5.34
CA VAL A 124 7.60 -5.01 -5.03
C VAL A 124 7.32 -6.18 -5.97
N LEU A 125 7.47 -5.95 -7.28
CA LEU A 125 7.04 -6.95 -8.25
C LEU A 125 8.06 -7.11 -9.37
N PRO A 126 9.22 -7.69 -9.04
CA PRO A 126 10.21 -7.94 -10.09
C PRO A 126 9.65 -8.92 -11.13
N LYS A 127 10.14 -8.85 -12.37
CA LYS A 127 9.79 -9.88 -13.34
C LYS A 127 10.32 -11.22 -12.86
N SER A 128 9.62 -12.29 -13.18
CA SER A 128 9.99 -13.64 -12.74
C SER A 128 11.31 -14.10 -13.35
N THR A 129 11.82 -13.32 -14.30
CA THR A 129 13.06 -13.57 -15.02
C THR A 129 14.18 -12.72 -14.46
N ASP A 130 13.90 -11.98 -13.40
CA ASP A 130 14.87 -11.09 -12.79
C ASP A 130 15.58 -11.84 -11.66
N PRO A 131 16.92 -11.93 -11.73
CA PRO A 131 17.72 -12.53 -10.66
C PRO A 131 17.54 -11.81 -9.32
N TRP A 132 17.14 -10.54 -9.38
CA TRP A 132 16.94 -9.76 -8.16
C TRP A 132 15.80 -10.34 -7.32
N LYS A 133 14.82 -10.93 -7.99
CA LYS A 133 13.70 -11.58 -7.31
C LYS A 133 14.16 -12.63 -6.30
N LEU A 134 15.22 -13.36 -6.66
CA LEU A 134 15.76 -14.35 -5.73
C LEU A 134 16.38 -13.66 -4.52
N LYS A 135 17.01 -12.52 -4.74
CA LYS A 135 17.62 -11.77 -3.64
C LYS A 135 16.56 -11.24 -2.68
N ILE A 136 15.52 -10.64 -3.24
CA ILE A 136 14.40 -10.17 -2.44
C ILE A 136 13.84 -11.31 -1.58
N GLU A 137 13.66 -12.47 -2.19
CA GLU A 137 13.13 -13.63 -1.48
C GLU A 137 14.08 -14.11 -0.37
N GLU A 138 15.39 -14.04 -0.62
CA GLU A 138 16.35 -14.48 0.39
C GLU A 138 16.30 -13.54 1.59
N GLY A 139 16.26 -12.24 1.32
CA GLY A 139 16.19 -11.25 2.37
C GLY A 139 14.90 -11.37 3.17
N ASP A 140 13.80 -11.65 2.46
CA ASP A 140 12.49 -11.76 3.10
C ASP A 140 12.40 -12.96 4.04
N GLN A 141 13.12 -14.03 3.70
CA GLN A 141 13.14 -15.21 4.57
C GLN A 141 13.65 -14.84 5.96
N VAL A 142 14.58 -13.90 6.02
CA VAL A 142 15.09 -13.42 7.29
C VAL A 142 13.96 -12.82 8.13
N LEU A 143 12.98 -12.22 7.47
CA LEU A 143 11.87 -11.59 8.18
C LEU A 143 10.72 -12.56 8.41
N GLY A 144 10.86 -13.78 7.91
CA GLY A 144 9.79 -14.78 8.03
C GLY A 144 8.75 -14.63 6.93
N ILE A 145 9.08 -13.85 5.91
CA ILE A 145 8.19 -13.62 4.79
C ILE A 145 8.41 -14.67 3.69
N ASP A 146 7.36 -15.40 3.36
CA ASP A 146 7.47 -16.47 2.35
C ASP A 146 6.36 -16.43 1.32
N SER A 147 6.14 -17.56 0.65
CA SER A 147 5.19 -17.66 -0.46
C SER A 147 3.78 -17.19 -0.11
N ASN A 148 3.36 -17.38 1.14
CA ASN A 148 2.03 -16.97 1.55
C ASN A 148 1.87 -15.46 1.45
N PHE A 149 2.92 -14.73 1.80
CA PHE A 149 2.90 -13.29 1.64
C PHE A 149 2.82 -12.87 0.19
N TYR A 150 3.69 -13.46 -0.64
CA TYR A 150 3.74 -13.11 -2.05
C TYR A 150 2.41 -13.40 -2.74
N LYS A 151 1.75 -14.49 -2.38
CA LYS A 151 0.47 -14.80 -2.99
C LYS A 151 -0.58 -13.77 -2.59
N MET A 152 -0.62 -13.39 -1.31
CA MET A 152 -1.59 -12.40 -0.86
C MET A 152 -1.36 -11.05 -1.52
N SER A 153 -0.11 -10.62 -1.63
CA SER A 153 0.18 -9.32 -2.22
C SER A 153 -0.09 -9.27 -3.72
N GLU A 154 0.26 -10.35 -4.41
CA GLU A 154 0.00 -10.42 -5.85
C GLU A 154 -1.50 -10.48 -6.08
N ASP A 155 -2.20 -11.24 -5.26
CA ASP A 155 -3.64 -11.35 -5.40
C ASP A 155 -4.30 -10.00 -5.15
N SER A 156 -3.79 -9.24 -4.18
CA SER A 156 -4.38 -7.94 -3.87
C SER A 156 -4.17 -6.97 -5.04
N LEU A 157 -3.01 -7.07 -5.69
CA LEU A 157 -2.74 -6.25 -6.88
C LEU A 157 -3.66 -6.61 -8.03
N LYS A 158 -3.85 -7.90 -8.24
CA LYS A 158 -4.72 -8.35 -9.32
C LYS A 158 -6.16 -7.94 -9.03
N PHE A 159 -6.56 -7.99 -7.75
CA PHE A 159 -7.89 -7.54 -7.36
C PHE A 159 -8.06 -6.05 -7.64
N ALA A 160 -7.03 -5.25 -7.32
CA ALA A 160 -7.06 -3.82 -7.59
C ALA A 160 -7.23 -3.58 -9.09
N PHE A 161 -6.52 -4.37 -9.89
CA PHE A 161 -6.51 -4.18 -11.33
C PHE A 161 -7.70 -4.84 -12.01
N GLN A 162 -8.43 -5.65 -11.25
N GLN A 162 -8.45 -5.64 -11.26
CA GLN A 162 -9.62 -6.35 -11.73
CA GLN A 162 -9.64 -6.33 -11.77
C GLN A 162 -9.29 -7.23 -12.93
C GLN A 162 -9.30 -7.26 -12.94
N LYS A 163 -8.25 -8.07 -12.76
CA LYS A 163 -7.85 -9.03 -13.77
C LYS A 163 -7.74 -10.43 -13.17
N ASN A 164 -8.21 -11.43 -13.92
CA ASN A 164 -8.03 -12.83 -13.52
C ASN A 164 -6.70 -13.33 -14.06
N HIS A 165 -6.67 -13.69 -15.33
CA HIS A 165 -5.42 -14.00 -15.99
C HIS A 165 -4.76 -12.70 -16.40
N ILE A 166 -3.58 -12.45 -15.87
CA ILE A 166 -2.82 -11.27 -16.25
C ILE A 166 -1.33 -11.60 -16.25
N ASN A 167 -0.64 -11.21 -17.30
CA ASN A 167 0.80 -11.41 -17.34
C ASN A 167 1.51 -10.32 -16.55
N LEU A 168 1.85 -10.61 -15.31
CA LEU A 168 2.51 -9.65 -14.44
C LEU A 168 3.88 -9.25 -14.98
N ASP A 169 4.46 -10.06 -15.87
CA ASP A 169 5.80 -9.77 -16.38
C ASP A 169 5.80 -8.77 -17.54
N ASP A 170 4.61 -8.37 -18.00
CA ASP A 170 4.47 -7.47 -19.13
C ASP A 170 4.34 -6.02 -18.67
N ASP A 171 5.38 -5.22 -18.91
CA ASP A 171 5.39 -3.82 -18.52
C ASP A 171 4.27 -3.02 -19.18
N GLU A 172 3.88 -3.37 -20.40
CA GLU A 172 2.84 -2.62 -21.07
C GLU A 172 1.50 -2.81 -20.38
N ILE A 173 1.26 -4.02 -19.91
CA ILE A 173 0.03 -4.35 -19.22
C ILE A 173 -0.04 -3.63 -17.87
N LEU A 174 1.07 -3.64 -17.15
CA LEU A 174 1.13 -2.94 -15.86
C LEU A 174 0.92 -1.44 -16.03
N LEU A 175 1.56 -0.87 -17.04
CA LEU A 175 1.47 0.58 -17.24
C LEU A 175 0.04 0.98 -17.51
N GLU A 176 -0.66 0.25 -18.37
CA GLU A 176 -2.04 0.59 -18.65
C GLU A 176 -2.98 0.26 -17.48
N CYS A 177 -2.67 -0.78 -16.72
CA CYS A 177 -3.46 -1.10 -15.54
C CYS A 177 -3.35 0.03 -14.50
N TYR A 178 -2.13 0.53 -14.34
CA TYR A 178 -1.86 1.65 -13.43
C TYR A 178 -2.67 2.89 -13.78
N ASP A 179 -2.61 3.29 -15.05
CA ASP A 179 -3.40 4.43 -15.52
C ASP A 179 -4.89 4.18 -15.34
N GLU A 180 -5.35 2.99 -15.66
N GLU A 180 -5.33 2.98 -15.68
CA GLU A 180 -6.78 2.68 -15.58
CA GLU A 180 -6.74 2.62 -15.58
C GLU A 180 -7.27 2.66 -14.13
C GLU A 180 -7.24 2.70 -14.14
N TYR A 181 -6.43 2.17 -13.22
CA TYR A 181 -6.79 2.15 -11.81
C TYR A 181 -6.98 3.57 -11.30
N ASN A 182 -5.97 4.42 -11.52
CA ASN A 182 -6.03 5.81 -11.10
C ASN A 182 -7.21 6.57 -11.72
N ARG A 183 -7.52 6.26 -12.98
CA ARG A 183 -8.63 6.90 -13.65
C ARG A 183 -9.97 6.51 -13.00
N LEU A 184 -10.12 5.23 -12.67
N LEU A 184 -10.13 5.23 -12.68
CA LEU A 184 -11.34 4.73 -12.06
CA LEU A 184 -11.37 4.76 -12.08
C LEU A 184 -11.59 5.33 -10.68
C LEU A 184 -11.59 5.36 -10.68
N VAL A 185 -10.52 5.50 -9.91
CA VAL A 185 -10.66 6.10 -8.58
C VAL A 185 -11.26 7.50 -8.72
N GLN A 186 -10.76 8.27 -9.68
CA GLN A 186 -11.26 9.61 -9.92
C GLN A 186 -12.69 9.62 -10.44
N GLU A 187 -13.05 8.57 -11.16
CA GLU A 187 -14.43 8.58 -11.64
C GLU A 187 -15.40 8.05 -10.58
N ILE A 188 -14.97 7.16 -9.69
CA ILE A 188 -15.88 6.61 -8.68
C ILE A 188 -16.05 7.50 -7.44
N VAL A 189 -14.96 8.07 -6.95
CA VAL A 189 -15.01 8.93 -5.77
C VAL A 189 -15.45 10.35 -6.13
N PRO A 190 -16.53 10.85 -5.50
CA PRO A 190 -16.96 12.24 -5.66
C PRO A 190 -15.81 13.21 -5.37
N PRO A 191 -15.60 14.20 -6.26
CA PRO A 191 -14.43 15.08 -6.23
C PRO A 191 -14.20 15.77 -4.90
N GLU A 192 -15.30 16.09 -4.20
CA GLU A 192 -15.18 16.75 -2.90
C GLU A 192 -14.74 15.77 -1.80
N ARG A 193 -14.79 14.48 -2.12
CA ARG A 193 -14.41 13.45 -1.16
C ARG A 193 -13.00 12.92 -1.47
N LEU A 194 -12.38 13.46 -2.52
CA LEU A 194 -11.11 12.96 -3.01
C LEU A 194 -10.02 14.03 -3.11
N LEU A 195 -8.84 13.72 -2.56
CA LEU A 195 -7.66 14.52 -2.81
C LEU A 195 -6.62 13.73 -3.61
N ILE A 196 -6.18 14.27 -4.72
CA ILE A 196 -5.11 13.65 -5.49
C ILE A 196 -3.79 14.28 -5.09
N HIS A 197 -2.90 13.46 -4.52
CA HIS A 197 -1.63 13.93 -3.97
C HIS A 197 -0.46 13.39 -4.79
N HIS A 198 0.23 14.28 -5.49
CA HIS A 198 1.40 13.91 -6.29
C HIS A 198 2.66 13.92 -5.43
N LEU A 199 3.66 13.13 -5.84
CA LEU A 199 4.93 13.09 -5.13
C LEU A 199 5.53 14.48 -5.06
N GLY A 200 5.83 14.93 -3.84
CA GLY A 200 6.37 16.26 -3.64
C GLY A 200 5.36 17.32 -3.23
N ASP A 201 4.06 16.99 -3.26
CA ASP A 201 3.02 17.97 -2.95
C ASP A 201 3.08 18.47 -1.50
N GLY A 202 3.62 17.65 -0.60
CA GLY A 202 3.79 18.06 0.79
C GLY A 202 2.52 18.31 1.59
N TRP A 203 2.64 19.12 2.64
CA TRP A 203 1.55 19.29 3.61
C TRP A 203 0.33 20.08 3.14
N GLU A 204 0.53 21.08 2.29
CA GLU A 204 -0.52 22.10 2.25
C GLU A 204 -1.82 21.64 1.61
N SER A 205 -1.83 20.88 0.51
CA SER A 205 -3.10 20.39 -0.01
C SER A 205 -3.72 19.36 0.93
N LEU A 206 -2.89 18.51 1.50
CA LEU A 206 -3.34 17.50 2.45
C LEU A 206 -4.05 18.08 3.67
N CYS A 207 -3.40 19.06 4.29
CA CYS A 207 -3.90 19.62 5.52
C CYS A 207 -5.19 20.41 5.32
N GLN A 208 -5.27 21.17 4.23
CA GLN A 208 -6.50 21.86 3.88
C GLN A 208 -7.64 20.86 3.69
N PHE A 209 -7.33 19.79 2.96
CA PHE A 209 -8.29 18.72 2.68
C PHE A 209 -8.84 18.11 3.96
N LEU A 210 -7.99 17.98 4.97
CA LEU A 210 -8.36 17.26 6.18
C LEU A 210 -8.72 18.22 7.32
N ASN A 211 -8.76 19.51 6.98
CA ASN A 211 -9.17 20.57 7.92
C ASN A 211 -8.24 20.71 9.10
N VAL A 212 -6.93 20.63 8.85
CA VAL A 212 -5.94 20.89 9.89
C VAL A 212 -4.90 21.91 9.42
N ASP A 213 -4.15 22.45 10.37
CA ASP A 213 -3.02 23.31 10.05
C ASP A 213 -1.85 22.48 9.57
N ILE A 214 -0.92 23.12 8.86
CA ILE A 214 0.36 22.51 8.54
C ILE A 214 1.13 22.33 9.84
N PRO A 215 1.61 21.10 10.11
CA PRO A 215 2.34 20.86 11.36
C PRO A 215 3.54 21.77 11.50
N ASN A 216 3.56 22.55 12.58
CA ASN A 216 4.62 23.53 12.79
C ASN A 216 6.00 22.90 12.94
N GLY A 217 6.87 23.19 11.98
CA GLY A 217 8.25 22.74 12.03
C GLY A 217 8.45 21.24 11.94
N ILE A 218 7.47 20.55 11.36
CA ILE A 218 7.61 19.13 11.08
C ILE A 218 7.57 18.98 9.57
N SER A 219 8.65 18.46 8.98
CA SER A 219 8.69 18.33 7.53
C SER A 219 7.84 17.15 7.06
N TYR A 220 7.35 17.24 5.83
CA TYR A 220 6.56 16.15 5.25
C TYR A 220 7.50 14.95 5.05
N PRO A 221 7.03 13.74 5.42
CA PRO A 221 7.89 12.55 5.34
C PRO A 221 8.38 12.22 3.94
N CYS A 222 9.62 11.74 3.87
CA CYS A 222 10.19 11.29 2.61
C CYS A 222 10.80 9.92 2.83
N ALA A 223 9.95 8.89 2.80
CA ALA A 223 10.34 7.55 3.22
C ALA A 223 10.28 6.52 2.10
N ASN A 224 10.99 5.41 2.30
CA ASN A 224 10.77 4.18 1.54
C ASN A 224 11.27 4.24 0.09
N SER A 225 12.44 4.85 -0.14
CA SER A 225 12.99 4.90 -1.51
C SER A 225 13.47 3.53 -1.96
N HIS A 226 13.59 3.32 -3.28
CA HIS A 226 14.05 2.02 -3.74
C HIS A 226 15.50 1.79 -3.36
N HIS A 227 16.28 2.86 -3.32
CA HIS A 227 17.68 2.74 -2.92
C HIS A 227 17.78 2.16 -1.53
N GLN A 228 16.97 2.69 -0.61
CA GLN A 228 16.96 2.21 0.77
C GLN A 228 16.42 0.79 0.86
N MET A 229 15.41 0.47 0.06
N MET A 229 15.42 0.45 0.07
CA MET A 229 14.84 -0.88 0.06
CA MET A 229 14.88 -0.90 0.12
C MET A 229 15.87 -1.90 -0.46
C MET A 229 15.87 -1.91 -0.46
N THR A 230 16.62 -1.50 -1.48
CA THR A 230 17.67 -2.36 -2.02
C THR A 230 18.75 -2.62 -0.97
N GLN A 231 19.11 -1.56 -0.24
CA GLN A 231 20.08 -1.66 0.83
C GLN A 231 19.58 -2.58 1.95
N LEU A 232 18.30 -2.47 2.30
CA LEU A 232 17.73 -3.34 3.31
C LEU A 232 17.83 -4.81 2.92
N THR A 233 17.48 -5.13 1.68
CA THR A 233 17.59 -6.50 1.19
C THR A 233 19.04 -6.97 1.29
N GLU A 234 19.97 -6.12 0.85
CA GLU A 234 21.40 -6.46 0.87
C GLU A 234 21.92 -6.72 2.26
N GLN A 235 21.42 -5.98 3.24
CA GLN A 235 21.90 -6.12 4.60
C GLN A 235 21.21 -7.28 5.32
N LEU A 236 20.00 -7.63 4.88
CA LEU A 236 19.28 -8.76 5.47
C LEU A 236 19.96 -10.05 5.07
N ILE A 237 20.35 -10.10 3.81
CA ILE A 237 21.10 -11.23 3.26
C ILE A 237 22.44 -11.34 3.96
N LYS A 238 23.16 -10.23 4.05
CA LYS A 238 24.49 -10.22 4.67
C LYS A 238 24.50 -10.62 6.14
N HIS A 239 23.63 -10.02 6.94
CA HIS A 239 23.72 -10.19 8.40
C HIS A 239 22.68 -11.16 8.98
N LYS A 240 21.70 -11.56 8.17
CA LYS A 240 20.69 -12.54 8.57
C LYS A 240 19.92 -12.18 9.85
N SER A 241 19.82 -10.89 10.16
CA SER A 241 19.07 -10.44 11.34
C SER A 241 18.56 -9.01 11.17
N LEU A 242 17.24 -8.81 11.30
CA LEU A 242 16.67 -7.46 11.26
C LEU A 242 17.18 -6.62 12.44
N ASP A 243 17.10 -7.18 13.63
CA ASP A 243 17.56 -6.46 14.82
C ASP A 243 19.01 -6.01 14.69
N ASP A 244 19.86 -6.83 14.08
CA ASP A 244 21.28 -6.50 13.95
C ASP A 244 21.58 -5.35 12.99
N ILE A 245 20.63 -5.03 12.11
CA ILE A 245 20.87 -3.98 11.10
C ILE A 245 19.90 -2.79 11.16
N ILE A 246 18.91 -2.83 12.04
CA ILE A 246 17.85 -1.81 12.01
C ILE A 246 18.39 -0.40 12.33
N HIS A 247 19.52 -0.30 13.04
CA HIS A 247 20.19 0.97 13.26
C HIS A 247 20.67 1.61 11.97
N MET A 248 20.78 0.82 10.90
CA MET A 248 21.16 1.36 9.60
C MET A 248 19.97 1.94 8.82
N PHE A 249 18.75 1.72 9.32
CA PHE A 249 17.55 2.21 8.66
C PHE A 249 16.59 3.02 9.55
N PRO A 250 17.10 4.14 10.11
CA PRO A 250 16.25 4.98 10.96
C PRO A 250 15.02 5.49 10.22
N GLY A 251 13.87 5.47 10.89
CA GLY A 251 12.64 6.00 10.35
C GLY A 251 12.01 5.20 9.24
N LEU A 252 12.43 3.96 9.07
CA LEU A 252 11.86 3.14 8.00
C LEU A 252 10.65 2.35 8.48
N ILE A 253 10.78 1.72 9.64
CA ILE A 253 9.75 0.83 10.18
C ILE A 253 9.18 1.40 11.47
P1 A3P B . 11.37 5.58 -5.48
O1P A3P B . 12.57 6.20 -4.80
O2P A3P B . 11.37 5.94 -6.95
O3P A3P B . 11.37 4.08 -5.30
P2 A3P B . 5.71 3.72 -1.32
O4P A3P B . 5.90 4.15 0.14
O5P A3P B . 4.26 3.63 -1.69
O6P A3P B . 6.40 2.39 -1.49
O5' A3P B . 6.40 4.85 -2.20
C5' A3P B . 7.82 4.82 -2.31
C4' A3P B . 8.24 5.82 -3.34
O4' A3P B . 7.79 7.17 -3.01
C3' A3P B . 9.72 5.92 -3.44
O3' A3P B . 10.05 6.20 -4.81
C2' A3P B . 10.02 7.10 -2.61
O2' A3P B . 11.31 7.63 -2.86
C1' A3P B . 8.93 8.03 -3.01
N9 A3P B . 8.67 9.06 -2.06
C8 A3P B . 8.19 8.89 -0.83
N7 A3P B . 8.05 10.08 -0.23
C5 A3P B . 8.45 11.06 -1.08
C6 A3P B . 8.54 12.50 -1.02
N6 A3P B . 8.16 13.20 0.14
N1 A3P B . 9.00 13.15 -2.11
C2 A3P B . 9.38 12.49 -3.20
N3 A3P B . 9.30 11.17 -3.29
C4 A3P B . 8.85 10.40 -2.27
C1 OAQ C . 5.87 -3.60 -0.06
C2 OAQ C . 4.66 -3.84 -0.72
C3 OAQ C . 4.49 -5.09 -1.36
C4 OAQ C . 5.50 -6.03 -1.32
C5 OAQ C . 6.69 -5.79 -0.66
C6 OAQ C . 6.87 -4.57 -0.02
C7 OAQ C . 9.07 -6.39 -0.28
C8 OAQ C . 9.18 -4.87 -0.23
C9 OAQ C . 8.06 -4.30 0.62
C10 OAQ C . 3.71 -2.81 -0.71
C11 OAQ C . 9.51 -7.00 1.06
C12 OAQ C . 13.00 -5.96 2.04
C13 OAQ C . 10.89 -6.20 3.38
C14 OAQ C . 11.46 -6.01 1.99
N1 OAQ C . 7.69 -6.77 -0.67
N2 OAQ C . 3.39 -5.44 -2.04
N3 OAQ C . 10.97 -7.08 1.10
O1 OAQ C . 3.49 -6.66 -2.86
O2 OAQ C . 2.13 -4.70 -2.05
O3 OAQ C . 4.27 -1.62 -0.13
#